data_1O87
#
_entry.id   1O87
#
_cell.length_a   55.415
_cell.length_b   113.631
_cell.length_c   61.382
_cell.angle_alpha   90.00
_cell.angle_beta   111.76
_cell.angle_gamma   90.00
#
_symmetry.space_group_name_H-M   'P 1 21 1'
#
loop_
_entity.id
_entity.type
_entity.pdbx_description
1 polymer 'SIGNAL RECOGNITION PARTICLE PROTEIN'
2 non-polymer 'CHLORIDE ION'
3 non-polymer 'FORMIC ACID'
4 non-polymer "GUANOSINE-5'-DIPHOSPHATE"
5 non-polymer 'MAGNESIUM ION'
6 water water
#
_entity_poly.entity_id   1
_entity_poly.type   'polypeptide(L)'
_entity_poly.pdbx_seq_one_letter_code
;MFQQLSARLQEAIGRLRGRGRITEEDLKATLREIRRALMDADVNLEVARDFVERVREEALGKQVLESLTPAEVILATVYE
ALKEALGGEARLPVLKDRNLWFLVGLQGSGKTTTAAKLALYYKGKGRRPLLVAADTQRPAAREQLRLLGEKVGVPVLEVM
DGESPESIRRRVEEKARLEARDLILVDTAGRLQIDEPLMGELARLKEVLGPDEVLLVLDAMTGQEALSVARAFDEKVGVT
GLVLTKLDGDARGGAALSARHVTGKPIYFAGVSEKPEGLEPFYPERLAGRILGMGDV
;
_entity_poly.pdbx_strand_id   A,B
#
loop_
_chem_comp.id
_chem_comp.type
_chem_comp.name
_chem_comp.formula
CL non-polymer 'CHLORIDE ION' 'Cl -1'
FMT non-polymer 'FORMIC ACID' 'C H2 O2'
GDP RNA linking GUANOSINE-5'-DIPHOSPHATE 'C10 H15 N5 O11 P2'
MG non-polymer 'MAGNESIUM ION' 'Mg 2'
#
# COMPACT_ATOMS: atom_id res chain seq x y z
N MET A 1 -10.30 7.77 3.72
CA MET A 1 -11.28 8.13 2.66
C MET A 1 -12.74 7.78 2.97
N PHE A 2 -13.03 6.56 3.32
CA PHE A 2 -14.44 6.16 3.60
C PHE A 2 -14.49 5.99 5.13
N GLN A 3 -14.61 7.10 5.87
CA GLN A 3 -14.28 7.11 7.31
C GLN A 3 -14.96 6.05 8.19
N GLN A 4 -16.23 5.79 7.99
CA GLN A 4 -16.88 4.76 8.78
C GLN A 4 -16.23 3.39 8.54
N LEU A 5 -16.16 2.97 7.28
CA LEU A 5 -15.56 1.68 6.93
C LEU A 5 -14.10 1.64 7.37
N SER A 6 -13.38 2.71 7.08
CA SER A 6 -11.94 2.81 7.38
C SER A 6 -11.71 2.59 8.85
N ALA A 7 -12.47 3.27 9.71
CA ALA A 7 -12.27 3.12 11.16
C ALA A 7 -12.63 1.71 11.63
N ARG A 8 -13.76 1.14 11.17
CA ARG A 8 -14.17 -0.24 11.54
C ARG A 8 -13.15 -1.31 11.14
N LEU A 9 -12.64 -1.24 9.91
CA LEU A 9 -11.58 -2.16 9.49
C LEU A 9 -10.32 -2.03 10.32
N GLN A 10 -9.84 -0.80 10.48
CA GLN A 10 -8.58 -0.61 11.19
C GLN A 10 -8.71 -1.04 12.65
N GLU A 11 -9.89 -0.86 13.23
CA GLU A 11 -10.21 -1.27 14.57
C GLU A 11 -10.19 -2.79 14.74
N ALA A 12 -10.83 -3.49 13.81
CA ALA A 12 -10.89 -4.94 13.88
C ALA A 12 -9.49 -5.48 13.80
N ILE A 13 -8.65 -4.85 13.00
CA ILE A 13 -7.25 -5.30 12.87
C ILE A 13 -6.45 -4.93 14.11
N GLY A 14 -6.59 -3.70 14.61
CA GLY A 14 -5.85 -3.25 15.78
C GLY A 14 -6.18 -3.99 17.07
N ARG A 15 -7.35 -4.62 17.11
CA ARG A 15 -7.78 -5.50 18.21
C ARG A 15 -6.86 -6.75 18.37
N LEU A 16 -6.29 -7.22 17.26
CA LEU A 16 -5.38 -8.37 17.25
C LEU A 16 -3.92 -8.03 17.62
N ARG A 17 -3.52 -6.78 17.45
CA ARG A 17 -2.14 -6.37 17.68
C ARG A 17 -1.67 -6.62 19.11
N GLY A 18 -0.44 -7.10 19.22
CA GLY A 18 0.21 -7.31 20.51
C GLY A 18 -0.40 -8.38 21.37
N ARG A 19 -1.16 -9.30 20.78
CA ARG A 19 -1.75 -10.38 21.57
C ARG A 19 -1.19 -11.73 21.19
N GLY A 20 -0.24 -11.79 20.27
CA GLY A 20 0.38 -13.06 19.96
C GLY A 20 -0.46 -13.90 19.03
N ARG A 21 -0.21 -15.21 18.99
CA ARG A 21 -0.93 -16.11 18.10
C ARG A 21 -2.43 -16.03 18.34
N ILE A 22 -3.20 -16.24 17.29
CA ILE A 22 -4.65 -16.36 17.40
C ILE A 22 -5.11 -17.74 17.04
N THR A 23 -6.23 -18.14 17.65
CA THR A 23 -6.85 -19.43 17.37
C THR A 23 -7.75 -19.31 16.13
N GLU A 24 -8.28 -20.45 15.66
CA GLU A 24 -9.20 -20.45 14.52
C GLU A 24 -10.48 -19.66 14.89
N GLU A 25 -10.89 -19.82 16.15
CA GLU A 25 -12.04 -19.13 16.70
C GLU A 25 -11.87 -17.61 16.66
N ASP A 26 -10.67 -17.14 17.06
CA ASP A 26 -10.34 -15.71 17.02
C ASP A 26 -10.39 -15.22 15.59
N LEU A 27 -9.82 -15.98 14.68
CA LEU A 27 -9.79 -15.61 13.26
C LEU A 27 -11.21 -15.42 12.67
N LYS A 28 -12.12 -16.36 12.98
CA LYS A 28 -13.50 -16.31 12.53
C LYS A 28 -14.19 -15.09 13.13
N ALA A 29 -13.92 -14.77 14.40
CA ALA A 29 -14.49 -13.54 14.99
C ALA A 29 -14.08 -12.26 14.24
N THR A 30 -12.82 -12.21 13.80
CA THR A 30 -12.36 -11.04 13.06
C THR A 30 -12.97 -10.97 11.66
N LEU A 31 -13.14 -12.12 11.01
CA LEU A 31 -13.78 -12.17 9.70
C LEU A 31 -15.25 -11.70 9.79
N ARG A 32 -15.96 -12.16 10.82
CA ARG A 32 -17.30 -11.65 11.10
C ARG A 32 -17.34 -10.13 11.27
N GLU A 33 -16.43 -9.55 12.09
CA GLU A 33 -16.34 -8.08 12.26
C GLU A 33 -16.12 -7.41 10.91
N ILE A 34 -15.25 -7.97 10.08
CA ILE A 34 -14.97 -7.39 8.75
C ILE A 34 -16.22 -7.44 7.88
N ARG A 35 -16.90 -8.57 7.89
CA ARG A 35 -18.14 -8.75 7.17
C ARG A 35 -19.22 -7.74 7.61
N ARG A 36 -19.39 -7.54 8.91
CA ARG A 36 -20.33 -6.56 9.37
C ARG A 36 -19.95 -5.16 8.98
N ALA A 37 -18.67 -4.81 9.01
CA ALA A 37 -18.22 -3.49 8.61
C ALA A 37 -18.58 -3.24 7.16
N LEU A 38 -18.44 -4.26 6.31
CA LEU A 38 -18.78 -4.11 4.89
C LEU A 38 -20.30 -3.99 4.68
N MET A 39 -21.07 -4.77 5.43
N MET A 39 -21.08 -4.78 5.41
CA MET A 39 -22.52 -4.72 5.33
CA MET A 39 -22.54 -4.71 5.31
C MET A 39 -23.07 -3.37 5.76
C MET A 39 -23.07 -3.35 5.76
N ASP A 40 -22.50 -2.80 6.82
CA ASP A 40 -22.88 -1.50 7.30
C ASP A 40 -22.40 -0.37 6.41
N ALA A 41 -21.38 -0.64 5.58
CA ALA A 41 -20.93 0.30 4.56
C ALA A 41 -21.71 0.22 3.25
N ASP A 42 -22.79 -0.55 3.26
CA ASP A 42 -23.67 -0.74 2.11
C ASP A 42 -22.97 -1.41 0.92
N VAL A 43 -22.06 -2.33 1.23
CA VAL A 43 -21.43 -3.17 0.22
C VAL A 43 -22.40 -4.26 -0.21
N ASN A 44 -22.52 -4.46 -1.51
CA ASN A 44 -23.28 -5.56 -2.08
C ASN A 44 -22.96 -6.83 -1.30
N LEU A 45 -24.03 -7.49 -0.88
CA LEU A 45 -24.02 -8.69 -0.05
C LEU A 45 -23.15 -9.79 -0.61
N GLU A 46 -23.23 -10.01 -1.92
CA GLU A 46 -22.31 -10.96 -2.57
C GLU A 46 -20.82 -10.54 -2.57
N VAL A 47 -20.57 -9.27 -2.86
CA VAL A 47 -19.22 -8.75 -2.80
C VAL A 47 -18.65 -8.95 -1.41
N ALA A 48 -19.43 -8.64 -0.37
CA ALA A 48 -18.96 -8.70 0.99
C ALA A 48 -18.60 -10.13 1.37
N ARG A 49 -19.43 -11.06 0.95
CA ARG A 49 -19.24 -12.47 1.27
C ARG A 49 -17.99 -13.03 0.57
N ASP A 50 -17.82 -12.71 -0.72
CA ASP A 50 -16.59 -13.01 -1.47
C ASP A 50 -15.31 -12.36 -0.90
N PHE A 51 -15.42 -11.11 -0.45
CA PHE A 51 -14.32 -10.38 0.14
C PHE A 51 -13.74 -11.18 1.31
N VAL A 52 -14.61 -11.53 2.24
CA VAL A 52 -14.21 -12.22 3.44
C VAL A 52 -13.76 -13.67 3.15
N GLU A 53 -14.39 -14.36 2.22
CA GLU A 53 -13.89 -15.69 1.83
C GLU A 53 -12.46 -15.51 1.31
N ARG A 54 -12.23 -14.49 0.51
CA ARG A 54 -10.89 -14.22 -0.01
C ARG A 54 -9.90 -13.86 1.13
N VAL A 55 -10.30 -13.01 2.08
CA VAL A 55 -9.40 -12.70 3.21
C VAL A 55 -9.07 -14.01 3.97
N ARG A 56 -10.06 -14.89 4.15
CA ARG A 56 -9.81 -16.14 4.90
C ARG A 56 -8.80 -17.03 4.21
N GLU A 57 -9.06 -17.27 2.93
CA GLU A 57 -8.27 -18.20 2.15
C GLU A 57 -6.84 -17.70 2.04
N GLU A 58 -6.70 -16.44 1.70
CA GLU A 58 -5.38 -15.84 1.58
C GLU A 58 -4.62 -15.85 2.91
N ALA A 59 -5.30 -15.54 4.00
CA ALA A 59 -4.61 -15.41 5.30
C ALA A 59 -4.14 -16.79 5.77
N LEU A 60 -4.99 -17.80 5.64
CA LEU A 60 -4.60 -19.19 5.91
C LEU A 60 -3.46 -19.65 5.00
N GLY A 61 -3.46 -19.19 3.76
CA GLY A 61 -2.40 -19.52 2.82
C GLY A 61 -1.08 -18.87 3.21
N LYS A 62 -1.13 -17.81 4.01
CA LYS A 62 0.08 -17.22 4.62
C LYS A 62 0.29 -17.69 6.08
N GLN A 63 -0.32 -18.79 6.48
CA GLN A 63 -0.11 -19.38 7.80
C GLN A 63 -0.39 -18.41 8.95
N VAL A 64 -1.53 -17.72 8.89
CA VAL A 64 -1.90 -16.70 9.90
C VAL A 64 -2.06 -17.31 11.28
N LEU A 65 -2.37 -18.59 11.32
CA LEU A 65 -2.64 -19.26 12.59
C LEU A 65 -1.33 -19.65 13.29
N GLU A 66 -0.22 -19.59 12.55
CA GLU A 66 1.13 -19.80 13.09
C GLU A 66 1.92 -18.47 13.31
N SER A 67 1.41 -17.35 12.80
CA SER A 67 2.05 -16.05 12.96
C SER A 67 2.04 -15.57 14.39
N LEU A 68 3.15 -15.02 14.84
CA LEU A 68 3.16 -14.34 16.13
C LEU A 68 2.56 -12.91 16.07
N THR A 69 2.41 -12.36 14.87
CA THR A 69 1.83 -11.02 14.66
C THR A 69 0.74 -11.11 13.59
N PRO A 70 -0.32 -11.88 13.87
CA PRO A 70 -1.40 -12.09 12.89
C PRO A 70 -2.09 -10.79 12.40
N ALA A 71 -2.17 -9.74 13.21
CA ALA A 71 -2.75 -8.48 12.74
C ALA A 71 -2.12 -8.01 11.44
N GLU A 72 -0.81 -8.20 11.32
CA GLU A 72 -0.07 -7.78 10.13
C GLU A 72 -0.41 -8.60 8.90
N VAL A 73 -0.59 -9.90 9.08
CA VAL A 73 -1.10 -10.72 8.00
C VAL A 73 -2.53 -10.31 7.61
N ILE A 74 -3.39 -9.97 8.57
CA ILE A 74 -4.79 -9.63 8.27
C ILE A 74 -4.82 -8.29 7.53
N LEU A 75 -3.99 -7.35 7.98
CA LEU A 75 -3.90 -6.02 7.38
C LEU A 75 -3.50 -6.15 5.93
N ALA A 76 -2.49 -6.98 5.64
CA ALA A 76 -2.03 -7.16 4.26
C ALA A 76 -3.07 -7.82 3.38
N THR A 77 -3.79 -8.81 3.93
CA THR A 77 -4.79 -9.52 3.11
C THR A 77 -6.04 -8.70 2.91
N VAL A 78 -6.42 -7.91 3.90
CA VAL A 78 -7.52 -6.97 3.72
C VAL A 78 -7.16 -5.92 2.63
N TYR A 79 -5.95 -5.36 2.68
CA TYR A 79 -5.49 -4.47 1.64
C TYR A 79 -5.70 -5.10 0.25
N GLU A 80 -5.23 -6.32 0.08
CA GLU A 80 -5.21 -6.98 -1.21
C GLU A 80 -6.62 -7.23 -1.68
N ALA A 81 -7.50 -7.50 -0.72
CA ALA A 81 -8.87 -7.81 -1.03
C ALA A 81 -9.66 -6.56 -1.40
N LEU A 82 -9.37 -5.44 -0.75
CA LEU A 82 -9.88 -4.12 -1.17
C LEU A 82 -9.40 -3.78 -2.60
N LYS A 83 -8.09 -3.91 -2.85
CA LYS A 83 -7.56 -3.63 -4.19
C LYS A 83 -8.32 -4.40 -5.28
N GLU A 84 -8.49 -5.72 -5.11
N GLU A 84 -8.46 -5.73 -5.09
CA GLU A 84 -9.10 -6.51 -6.17
CA GLU A 84 -9.15 -6.62 -6.05
C GLU A 84 -10.62 -6.23 -6.32
C GLU A 84 -10.58 -6.15 -6.31
N ALA A 85 -11.31 -5.90 -5.22
CA ALA A 85 -12.72 -5.49 -5.32
C ALA A 85 -12.89 -4.18 -6.11
N LEU A 86 -11.91 -3.31 -5.94
CA LEU A 86 -11.88 -2.03 -6.63
C LEU A 86 -11.38 -2.14 -8.07
N GLY A 87 -10.84 -3.30 -8.46
CA GLY A 87 -10.59 -3.60 -9.86
C GLY A 87 -9.18 -4.09 -10.17
N GLY A 88 -8.38 -4.29 -9.13
CA GLY A 88 -7.08 -4.92 -9.29
C GLY A 88 -6.03 -3.90 -9.66
N GLU A 89 -5.96 -3.57 -10.94
CA GLU A 89 -5.07 -2.53 -11.39
C GLU A 89 -5.85 -1.48 -12.15
N ALA A 90 -5.22 -0.32 -12.38
CA ALA A 90 -5.87 0.78 -13.05
C ALA A 90 -6.12 0.38 -14.51
N ARG A 91 -7.28 0.76 -15.06
CA ARG A 91 -7.64 0.57 -16.46
C ARG A 91 -8.13 1.93 -16.97
N LEU A 92 -7.21 2.83 -17.30
CA LEU A 92 -7.53 4.18 -17.74
C LEU A 92 -7.80 4.26 -19.25
N PRO A 93 -8.62 5.21 -19.70
CA PRO A 93 -8.94 5.34 -21.11
C PRO A 93 -7.71 5.62 -21.95
N VAL A 94 -7.61 4.97 -23.12
CA VAL A 94 -6.49 5.22 -24.04
C VAL A 94 -7.04 6.11 -25.15
N LEU A 95 -6.53 7.33 -25.23
CA LEU A 95 -6.98 8.30 -26.21
C LEU A 95 -6.21 8.14 -27.54
N LYS A 96 -6.86 8.47 -28.63
CA LYS A 96 -6.26 8.41 -29.95
C LYS A 96 -6.22 9.85 -30.47
N ASP A 97 -5.98 10.06 -31.77
CA ASP A 97 -5.91 11.43 -32.27
C ASP A 97 -7.19 12.19 -32.15
N ARG A 98 -8.34 11.54 -32.39
CA ARG A 98 -9.67 12.12 -32.24
C ARG A 98 -10.53 11.24 -31.32
N ASN A 99 -11.16 11.89 -30.36
CA ASN A 99 -11.91 11.21 -29.34
C ASN A 99 -13.24 11.92 -29.13
N LEU A 100 -14.31 11.15 -28.97
CA LEU A 100 -15.60 11.66 -28.52
C LEU A 100 -16.15 10.80 -27.37
N TRP A 101 -16.41 11.44 -26.23
CA TRP A 101 -16.93 10.73 -25.07
C TRP A 101 -18.34 11.21 -24.70
N PHE A 102 -19.20 10.31 -24.27
CA PHE A 102 -20.45 10.67 -23.61
C PHE A 102 -20.29 10.61 -22.08
N LEU A 103 -20.92 11.52 -21.35
CA LEU A 103 -21.19 11.38 -19.90
C LEU A 103 -22.69 11.15 -19.75
N VAL A 104 -23.04 10.00 -19.18
CA VAL A 104 -24.42 9.61 -19.00
C VAL A 104 -24.61 9.24 -17.54
N GLY A 105 -25.86 9.19 -17.14
CA GLY A 105 -26.26 8.93 -15.77
C GLY A 105 -27.50 9.70 -15.35
N LEU A 106 -27.91 9.50 -14.10
CA LEU A 106 -29.04 10.19 -13.57
C LEU A 106 -28.73 11.67 -13.26
N GLN A 107 -29.75 12.51 -13.36
CA GLN A 107 -29.69 13.88 -12.85
C GLN A 107 -29.17 13.84 -11.44
N GLY A 108 -28.28 14.77 -11.14
CA GLY A 108 -27.75 14.90 -9.81
C GLY A 108 -26.56 13.99 -9.53
N SER A 109 -26.06 13.26 -10.54
CA SER A 109 -25.00 12.29 -10.31
C SER A 109 -23.58 12.92 -10.47
N GLY A 110 -23.52 14.05 -11.16
CA GLY A 110 -22.28 14.80 -11.31
C GLY A 110 -21.78 14.91 -12.74
N LYS A 111 -22.66 14.72 -13.71
CA LYS A 111 -22.26 14.67 -15.11
C LYS A 111 -21.66 16.00 -15.59
N THR A 112 -22.34 17.11 -15.32
CA THR A 112 -21.96 18.40 -15.93
C THR A 112 -20.64 18.85 -15.35
N THR A 113 -20.50 18.61 -14.05
CA THR A 113 -19.30 18.93 -13.33
C THR A 113 -18.16 18.04 -13.79
N THR A 114 -18.46 16.74 -13.94
CA THR A 114 -17.46 15.80 -14.40
C THR A 114 -16.96 16.13 -15.85
N ALA A 115 -17.87 16.54 -16.73
CA ALA A 115 -17.53 16.98 -18.08
C ALA A 115 -16.48 18.08 -17.99
N ALA A 116 -16.69 19.08 -17.12
CA ALA A 116 -15.76 20.23 -17.06
C ALA A 116 -14.43 19.84 -16.46
N LYS A 117 -14.48 18.99 -15.43
CA LYS A 117 -13.29 18.36 -14.87
C LYS A 117 -12.42 17.62 -15.92
N LEU A 118 -13.05 16.73 -16.68
CA LEU A 118 -12.33 16.05 -17.75
C LEU A 118 -11.73 17.02 -18.76
N ALA A 119 -12.47 18.06 -19.13
CA ALA A 119 -11.94 19.04 -20.07
C ALA A 119 -10.69 19.64 -19.45
N LEU A 120 -10.75 20.05 -18.19
CA LEU A 120 -9.54 20.57 -17.53
C LEU A 120 -8.40 19.59 -17.41
N TYR A 121 -8.71 18.33 -17.09
CA TYR A 121 -7.70 17.30 -16.90
C TYR A 121 -6.89 17.19 -18.21
N TYR A 122 -7.63 17.01 -19.30
CA TYR A 122 -7.00 16.71 -20.58
C TYR A 122 -6.43 17.96 -21.23
N LYS A 123 -7.02 19.13 -20.99
CA LYS A 123 -6.42 20.38 -21.48
C LYS A 123 -4.99 20.48 -20.99
N GLY A 124 -4.75 20.14 -19.73
CA GLY A 124 -3.43 20.20 -19.13
C GLY A 124 -2.49 19.15 -19.68
N LYS A 125 -3.02 18.06 -20.21
CA LYS A 125 -2.18 17.07 -20.83
C LYS A 125 -1.92 17.32 -22.33
N GLY A 126 -2.11 18.55 -22.79
CA GLY A 126 -1.93 18.84 -24.21
C GLY A 126 -3.11 18.67 -25.16
N ARG A 127 -4.24 18.14 -24.69
CA ARG A 127 -5.40 18.02 -25.54
C ARG A 127 -6.12 19.37 -25.77
N ARG A 128 -6.97 19.40 -26.79
CA ARG A 128 -7.81 20.53 -27.04
C ARG A 128 -9.28 20.10 -26.98
N PRO A 129 -9.87 20.11 -25.78
CA PRO A 129 -11.22 19.61 -25.57
C PRO A 129 -12.34 20.49 -26.08
N LEU A 130 -13.49 19.92 -26.31
CA LEU A 130 -14.66 20.69 -26.61
C LEU A 130 -15.77 20.10 -25.82
N LEU A 131 -16.42 20.92 -25.02
CA LEU A 131 -17.57 20.47 -24.28
C LEU A 131 -18.78 20.67 -25.14
N VAL A 132 -19.70 19.70 -25.09
CA VAL A 132 -20.94 19.80 -25.83
C VAL A 132 -22.05 19.73 -24.83
N ALA A 133 -22.86 20.78 -24.79
CA ALA A 133 -23.93 20.85 -23.84
C ALA A 133 -25.22 20.36 -24.50
N ALA A 134 -25.52 19.06 -24.37
CA ALA A 134 -26.60 18.39 -25.08
C ALA A 134 -27.82 18.07 -24.21
N ASP A 135 -27.76 18.53 -22.97
CA ASP A 135 -28.86 18.46 -22.04
C ASP A 135 -29.71 19.72 -22.25
N THR A 136 -30.85 19.57 -22.93
CA THR A 136 -31.74 20.70 -23.16
C THR A 136 -32.91 20.82 -22.18
N GLN A 137 -33.08 19.84 -21.30
CA GLN A 137 -34.20 19.85 -20.36
C GLN A 137 -33.79 20.56 -19.09
N ARG A 138 -32.74 20.07 -18.42
CA ARG A 138 -32.25 20.65 -17.16
C ARG A 138 -32.23 22.19 -17.14
N PRO A 139 -32.98 22.83 -16.22
CA PRO A 139 -32.95 24.29 -16.09
C PRO A 139 -31.52 24.85 -16.09
N ALA A 140 -31.29 25.79 -16.99
CA ALA A 140 -30.02 26.43 -17.17
C ALA A 140 -28.83 25.47 -17.49
N ALA A 141 -29.08 24.19 -17.81
CA ALA A 141 -27.99 23.21 -18.11
C ALA A 141 -26.93 23.78 -19.08
N ARG A 142 -27.37 24.36 -20.18
CA ARG A 142 -26.43 24.85 -21.17
C ARG A 142 -25.70 26.06 -20.63
N GLU A 143 -26.39 26.91 -19.88
CA GLU A 143 -25.72 28.07 -19.29
C GLU A 143 -24.70 27.57 -18.27
N GLN A 144 -25.02 26.49 -17.56
CA GLN A 144 -24.14 25.96 -16.51
C GLN A 144 -22.82 25.46 -17.13
N LEU A 145 -22.91 24.69 -18.22
CA LEU A 145 -21.70 24.13 -18.81
C LEU A 145 -20.98 25.27 -19.54
N ARG A 146 -21.74 26.26 -20.01
CA ARG A 146 -21.18 27.43 -20.64
C ARG A 146 -20.29 28.10 -19.66
N LEU A 147 -20.77 28.31 -18.42
CA LEU A 147 -19.96 29.01 -17.42
C LEU A 147 -18.72 28.22 -17.01
N LEU A 148 -18.92 26.92 -16.74
CA LEU A 148 -17.79 26.04 -16.37
C LEU A 148 -16.75 25.98 -17.50
N GLY A 149 -17.22 25.97 -18.73
CA GLY A 149 -16.32 26.09 -19.85
C GLY A 149 -15.46 27.35 -19.76
N GLU A 150 -16.08 28.50 -19.48
CA GLU A 150 -15.30 29.76 -19.31
C GLU A 150 -14.24 29.59 -18.25
N LYS A 151 -14.63 28.95 -17.15
CA LYS A 151 -13.74 28.73 -15.98
C LYS A 151 -12.47 27.92 -16.33
N VAL A 152 -12.62 26.87 -17.13
CA VAL A 152 -11.51 25.96 -17.40
C VAL A 152 -10.82 26.30 -18.74
N GLY A 153 -11.35 27.29 -19.45
CA GLY A 153 -10.72 27.79 -20.68
C GLY A 153 -10.95 26.83 -21.81
N VAL A 154 -12.18 26.33 -21.94
CA VAL A 154 -12.51 25.32 -22.96
C VAL A 154 -13.81 25.72 -23.63
N PRO A 155 -13.85 25.68 -24.97
CA PRO A 155 -15.06 26.07 -25.70
C PRO A 155 -16.24 25.12 -25.43
N VAL A 156 -17.43 25.65 -25.55
CA VAL A 156 -18.65 24.94 -25.29
C VAL A 156 -19.63 25.16 -26.45
N LEU A 157 -20.04 24.08 -27.10
CA LEU A 157 -21.05 24.13 -28.15
C LEU A 157 -22.34 23.71 -27.49
N GLU A 158 -23.42 24.47 -27.68
CA GLU A 158 -24.69 24.19 -27.02
C GLU A 158 -25.69 23.73 -28.05
N VAL A 159 -26.37 22.62 -27.77
CA VAL A 159 -27.37 22.13 -28.69
C VAL A 159 -28.63 22.99 -28.51
N MET A 160 -29.37 23.18 -29.61
CA MET A 160 -30.54 24.06 -29.63
C MET A 160 -31.71 23.21 -29.28
N ASP A 161 -32.83 23.81 -28.89
CA ASP A 161 -34.04 23.06 -28.55
C ASP A 161 -34.49 22.23 -29.76
N GLY A 162 -35.00 21.03 -29.51
CA GLY A 162 -35.44 20.11 -30.56
C GLY A 162 -34.43 19.59 -31.58
N GLU A 163 -33.16 19.94 -31.44
CA GLU A 163 -32.18 19.59 -32.44
C GLU A 163 -32.07 18.06 -32.59
N SER A 164 -31.98 17.56 -33.83
CA SER A 164 -31.95 16.13 -34.09
C SER A 164 -30.53 15.63 -33.82
N PRO A 165 -30.39 14.35 -33.54
CA PRO A 165 -29.05 13.79 -33.37
C PRO A 165 -28.11 13.96 -34.61
N GLU A 166 -28.59 13.92 -35.85
CA GLU A 166 -27.71 14.10 -37.01
C GLU A 166 -27.28 15.58 -37.13
N SER A 167 -28.15 16.51 -36.74
CA SER A 167 -27.76 17.94 -36.75
C SER A 167 -26.71 18.21 -35.68
N ILE A 168 -26.88 17.65 -34.51
CA ILE A 168 -25.81 17.76 -33.47
C ILE A 168 -24.50 17.23 -34.01
N ARG A 169 -24.54 16.04 -34.62
CA ARG A 169 -23.29 15.47 -35.09
C ARG A 169 -22.59 16.42 -36.02
N ARG A 170 -23.32 16.96 -37.00
CA ARG A 170 -22.68 17.72 -38.08
C ARG A 170 -22.02 18.94 -37.47
N ARG A 171 -22.73 19.56 -36.54
CA ARG A 171 -22.25 20.80 -35.93
C ARG A 171 -21.05 20.56 -35.02
N VAL A 172 -21.09 19.46 -34.26
CA VAL A 172 -19.93 19.08 -33.43
C VAL A 172 -18.72 18.72 -34.29
N GLU A 173 -18.91 17.86 -35.29
CA GLU A 173 -17.81 17.44 -36.14
C GLU A 173 -17.15 18.62 -36.89
N GLU A 174 -17.97 19.54 -37.38
CA GLU A 174 -17.54 20.80 -38.02
C GLU A 174 -16.73 21.66 -37.04
N LYS A 175 -17.29 21.94 -35.85
CA LYS A 175 -16.59 22.77 -34.86
C LYS A 175 -15.25 22.15 -34.50
N ALA A 176 -15.21 20.84 -34.25
CA ALA A 176 -13.96 20.15 -33.89
C ALA A 176 -12.93 20.08 -35.04
N ARG A 177 -13.37 20.07 -36.29
CA ARG A 177 -12.38 20.03 -37.37
C ARG A 177 -11.78 21.41 -37.58
N LEU A 178 -12.64 22.43 -37.68
CA LEU A 178 -12.21 23.82 -37.89
C LEU A 178 -11.29 24.26 -36.76
N GLU A 179 -11.70 24.05 -35.50
CA GLU A 179 -10.89 24.43 -34.34
C GLU A 179 -9.90 23.37 -33.81
N ALA A 180 -9.68 22.25 -34.52
CA ALA A 180 -8.74 21.20 -34.07
C ALA A 180 -8.98 20.69 -32.60
N ARG A 181 -10.23 20.44 -32.28
CA ARG A 181 -10.58 19.93 -30.96
C ARG A 181 -10.53 18.41 -30.95
N ASP A 182 -9.55 17.84 -30.26
CA ASP A 182 -9.29 16.42 -30.32
C ASP A 182 -9.90 15.58 -29.17
N LEU A 183 -10.62 16.20 -28.24
CA LEU A 183 -11.43 15.47 -27.28
C LEU A 183 -12.77 16.17 -27.14
N ILE A 184 -13.84 15.50 -27.57
CA ILE A 184 -15.20 16.01 -27.46
C ILE A 184 -15.92 15.35 -26.29
N LEU A 185 -16.45 16.16 -25.37
CA LEU A 185 -17.04 15.65 -24.16
C LEU A 185 -18.51 16.06 -24.16
N VAL A 186 -19.41 15.09 -24.25
CA VAL A 186 -20.81 15.36 -24.42
C VAL A 186 -21.60 15.11 -23.14
N ASP A 187 -22.15 16.22 -22.62
CA ASP A 187 -22.92 16.22 -21.39
C ASP A 187 -24.36 15.96 -21.81
N THR A 188 -24.95 14.87 -21.34
CA THR A 188 -26.27 14.45 -21.79
C THR A 188 -27.35 14.63 -20.76
N ALA A 189 -28.58 14.55 -21.26
CA ALA A 189 -29.78 14.66 -20.47
C ALA A 189 -29.91 13.51 -19.48
N GLY A 190 -30.70 13.73 -18.45
CA GLY A 190 -30.92 12.69 -17.46
C GLY A 190 -31.95 13.16 -16.46
N ARG A 191 -32.68 12.22 -15.88
CA ARG A 191 -33.74 12.49 -14.89
C ARG A 191 -33.40 11.83 -13.57
N LEU A 192 -34.28 11.96 -12.58
CA LEU A 192 -33.98 11.44 -11.25
C LEU A 192 -34.11 9.94 -11.18
N GLN A 193 -34.74 9.39 -12.22
N GLN A 193 -34.91 9.34 -12.07
CA GLN A 193 -34.98 7.97 -12.36
CA GLN A 193 -34.96 7.88 -12.23
C GLN A 193 -34.83 7.56 -13.83
C GLN A 193 -34.67 7.55 -13.70
N ILE A 194 -34.55 6.28 -14.07
N ILE A 194 -34.58 6.27 -14.05
CA ILE A 194 -34.53 5.75 -15.42
CA ILE A 194 -34.45 5.93 -15.46
C ILE A 194 -35.82 6.19 -16.12
C ILE A 194 -35.77 6.22 -16.12
N ASP A 195 -35.71 6.81 -17.31
CA ASP A 195 -36.88 7.22 -18.05
C ASP A 195 -36.80 6.63 -19.45
N GLU A 196 -37.72 5.72 -19.78
CA GLU A 196 -37.58 4.92 -20.99
C GLU A 196 -37.53 5.75 -22.29
N PRO A 197 -38.46 6.68 -22.49
CA PRO A 197 -38.38 7.58 -23.65
C PRO A 197 -37.01 8.24 -23.77
N LEU A 198 -36.48 8.69 -22.65
CA LEU A 198 -35.27 9.47 -22.66
C LEU A 198 -34.06 8.57 -22.93
N MET A 199 -34.13 7.35 -22.44
CA MET A 199 -33.12 6.36 -22.75
C MET A 199 -33.07 6.09 -24.25
N GLY A 200 -34.26 6.04 -24.88
CA GLY A 200 -34.40 5.89 -26.33
C GLY A 200 -33.71 7.01 -27.05
N GLU A 201 -33.91 8.23 -26.55
CA GLU A 201 -33.27 9.38 -27.18
C GLU A 201 -31.72 9.34 -27.10
N LEU A 202 -31.27 8.88 -25.95
CA LEU A 202 -29.88 8.76 -25.63
C LEU A 202 -29.24 7.66 -26.52
N ALA A 203 -29.91 6.53 -26.66
CA ALA A 203 -29.48 5.42 -27.52
C ALA A 203 -29.36 5.89 -28.97
N ARG A 204 -30.40 6.54 -29.45
CA ARG A 204 -30.38 7.15 -30.76
C ARG A 204 -29.21 8.15 -30.90
N LEU A 205 -28.96 8.93 -29.86
CA LEU A 205 -27.86 9.90 -29.93
C LEU A 205 -26.50 9.19 -30.01
N LYS A 206 -26.38 8.07 -29.28
CA LYS A 206 -25.14 7.32 -29.22
C LYS A 206 -24.85 6.70 -30.58
N GLU A 207 -25.88 6.14 -31.19
CA GLU A 207 -25.80 5.50 -32.51
C GLU A 207 -25.26 6.48 -33.53
N VAL A 208 -25.73 7.72 -33.46
CA VAL A 208 -25.37 8.70 -34.47
C VAL A 208 -23.98 9.28 -34.22
N LEU A 209 -23.66 9.64 -32.98
CA LEU A 209 -22.35 10.24 -32.72
C LEU A 209 -21.22 9.23 -32.63
N GLY A 210 -21.49 8.00 -32.24
CA GLY A 210 -20.44 6.95 -32.19
C GLY A 210 -19.30 7.22 -31.23
N PRO A 211 -19.61 7.46 -29.97
CA PRO A 211 -18.57 7.83 -29.01
C PRO A 211 -17.61 6.66 -28.81
N ASP A 212 -16.34 6.96 -28.62
CA ASP A 212 -15.30 6.02 -28.27
C ASP A 212 -15.33 5.50 -26.86
N GLU A 213 -15.89 6.35 -25.99
CA GLU A 213 -16.19 6.01 -24.58
C GLU A 213 -17.50 6.60 -24.11
N VAL A 214 -18.15 5.87 -23.21
CA VAL A 214 -19.40 6.24 -22.61
C VAL A 214 -19.19 6.06 -21.10
N LEU A 215 -19.08 7.19 -20.41
CA LEU A 215 -18.79 7.19 -18.98
C LEU A 215 -20.08 7.29 -18.22
N LEU A 216 -20.40 6.25 -17.47
CA LEU A 216 -21.53 6.25 -16.55
C LEU A 216 -21.13 6.88 -15.21
N VAL A 217 -21.71 8.06 -14.93
CA VAL A 217 -21.41 8.86 -13.76
C VAL A 217 -22.35 8.48 -12.63
N LEU A 218 -21.77 8.17 -11.49
CA LEU A 218 -22.49 7.56 -10.35
C LEU A 218 -22.16 8.28 -9.05
N ASP A 219 -23.19 8.78 -8.38
CA ASP A 219 -23.07 9.43 -7.08
C ASP A 219 -22.82 8.37 -6.01
N ALA A 220 -21.62 8.37 -5.49
CA ALA A 220 -21.17 7.32 -4.58
C ALA A 220 -21.90 7.34 -3.23
N MET A 221 -22.55 8.44 -2.88
CA MET A 221 -23.28 8.51 -1.62
C MET A 221 -24.66 7.80 -1.58
N THR A 222 -25.15 7.33 -2.71
CA THR A 222 -26.40 6.62 -2.74
C THR A 222 -26.11 5.13 -2.54
N GLY A 223 -24.81 4.78 -2.55
CA GLY A 223 -24.35 3.47 -2.13
C GLY A 223 -24.56 2.47 -3.24
N GLN A 224 -24.86 1.22 -2.86
CA GLN A 224 -25.29 0.17 -3.81
C GLN A 224 -26.26 0.59 -4.86
N GLU A 225 -27.34 1.25 -4.46
CA GLU A 225 -28.43 1.65 -5.37
C GLU A 225 -27.97 2.51 -6.56
N ALA A 226 -26.93 3.31 -6.36
CA ALA A 226 -26.31 4.08 -7.45
C ALA A 226 -26.07 3.13 -8.62
N LEU A 227 -25.72 1.89 -8.29
CA LEU A 227 -25.38 0.86 -9.29
C LEU A 227 -26.57 0.16 -9.97
N SER A 228 -27.79 0.39 -9.48
CA SER A 228 -28.98 -0.27 -10.00
C SER A 228 -29.27 0.17 -11.42
N VAL A 229 -28.80 1.34 -11.82
CA VAL A 229 -29.07 1.87 -13.15
C VAL A 229 -28.08 1.39 -14.18
N ALA A 230 -27.00 0.78 -13.72
CA ALA A 230 -25.92 0.40 -14.59
C ALA A 230 -26.33 -0.50 -15.76
N ARG A 231 -27.12 -1.55 -15.51
CA ARG A 231 -27.48 -2.47 -16.60
C ARG A 231 -28.34 -1.78 -17.64
N ALA A 232 -29.29 -0.98 -17.13
CA ALA A 232 -30.20 -0.23 -18.01
C ALA A 232 -29.40 0.61 -18.96
N PHE A 233 -28.48 1.44 -18.44
CA PHE A 233 -27.63 2.22 -19.30
C PHE A 233 -26.83 1.38 -20.27
N ASP A 234 -26.16 0.35 -19.77
CA ASP A 234 -25.32 -0.51 -20.60
C ASP A 234 -26.11 -1.24 -21.68
N GLU A 235 -27.29 -1.77 -21.36
CA GLU A 235 -28.03 -2.55 -22.39
C GLU A 235 -28.50 -1.62 -23.53
N LYS A 236 -28.85 -0.37 -23.19
CA LYS A 236 -29.35 0.59 -24.19
C LYS A 236 -28.31 1.42 -24.88
N VAL A 237 -27.18 1.64 -24.26
CA VAL A 237 -26.26 2.62 -24.77
C VAL A 237 -24.84 2.06 -24.92
N GLY A 238 -24.41 1.15 -24.06
CA GLY A 238 -23.04 0.63 -24.19
C GLY A 238 -22.00 1.45 -23.41
N VAL A 239 -22.07 1.25 -22.11
CA VAL A 239 -21.16 1.85 -21.15
C VAL A 239 -19.74 1.23 -21.25
N THR A 240 -18.71 2.08 -21.29
CA THR A 240 -17.32 1.59 -21.28
C THR A 240 -16.59 1.77 -19.94
N GLY A 241 -17.01 2.73 -19.13
CA GLY A 241 -16.33 2.94 -17.88
C GLY A 241 -17.13 3.76 -16.95
N LEU A 242 -16.71 3.83 -15.68
CA LEU A 242 -17.47 4.55 -14.62
C LEU A 242 -16.73 5.78 -14.12
N VAL A 243 -17.49 6.75 -13.62
CA VAL A 243 -16.96 7.80 -12.81
C VAL A 243 -17.71 7.75 -11.50
N LEU A 244 -16.99 7.56 -10.39
CA LEU A 244 -17.59 7.61 -9.05
C LEU A 244 -17.35 8.98 -8.42
N THR A 245 -18.40 9.78 -8.38
CA THR A 245 -18.39 11.13 -7.79
C THR A 245 -18.75 11.21 -6.28
N LYS A 246 -18.34 12.31 -5.70
CA LYS A 246 -18.67 12.68 -4.33
C LYS A 246 -18.10 11.71 -3.32
N LEU A 247 -16.98 11.09 -3.66
CA LEU A 247 -16.28 10.23 -2.69
C LEU A 247 -15.87 11.01 -1.44
N ASP A 248 -15.69 12.32 -1.57
CA ASP A 248 -15.36 13.17 -0.46
C ASP A 248 -16.47 13.30 0.56
N GLY A 249 -17.72 13.05 0.19
CA GLY A 249 -18.81 13.02 1.14
C GLY A 249 -19.25 11.63 1.50
N ASP A 250 -18.63 10.64 0.89
CA ASP A 250 -18.96 9.24 1.13
C ASP A 250 -18.18 8.63 2.32
N ALA A 251 -18.92 8.37 3.41
CA ALA A 251 -18.38 7.75 4.61
C ALA A 251 -18.27 6.21 4.56
N ARG A 252 -18.93 5.58 3.56
CA ARG A 252 -19.09 4.12 3.55
C ARG A 252 -18.31 3.41 2.47
N GLY A 253 -18.51 3.84 1.23
CA GLY A 253 -17.75 3.31 0.10
C GLY A 253 -18.41 2.15 -0.61
N GLY A 254 -19.64 1.82 -0.23
CA GLY A 254 -20.36 0.68 -0.78
C GLY A 254 -20.46 0.62 -2.30
N ALA A 255 -20.72 1.75 -2.94
CA ALA A 255 -20.83 1.79 -4.40
C ALA A 255 -19.49 1.53 -5.04
N ALA A 256 -18.43 2.18 -4.56
CA ALA A 256 -17.09 1.94 -5.11
C ALA A 256 -16.65 0.48 -5.01
N LEU A 257 -16.75 -0.06 -3.80
CA LEU A 257 -16.33 -1.43 -3.58
C LEU A 257 -17.19 -2.45 -4.30
N SER A 258 -18.44 -2.11 -4.63
CA SER A 258 -19.35 -3.05 -5.29
C SER A 258 -19.38 -2.95 -6.82
N ALA A 259 -18.78 -1.86 -7.36
CA ALA A 259 -19.00 -1.47 -8.74
C ALA A 259 -18.53 -2.54 -9.73
N ARG A 260 -17.34 -3.08 -9.51
CA ARG A 260 -16.77 -4.05 -10.43
C ARG A 260 -17.63 -5.32 -10.53
N HIS A 261 -18.03 -5.90 -9.40
CA HIS A 261 -18.92 -7.05 -9.39
C HIS A 261 -20.25 -6.79 -10.07
N VAL A 262 -20.93 -5.73 -9.67
CA VAL A 262 -22.27 -5.47 -10.12
C VAL A 262 -22.33 -5.07 -11.58
N THR A 263 -21.42 -4.20 -12.00
CA THR A 263 -21.47 -3.63 -13.33
C THR A 263 -20.51 -4.30 -14.34
N GLY A 264 -19.47 -4.97 -13.85
CA GLY A 264 -18.43 -5.50 -14.74
C GLY A 264 -17.66 -4.44 -15.55
N LYS A 265 -17.76 -3.15 -15.18
CA LYS A 265 -17.09 -2.07 -15.93
C LYS A 265 -15.89 -1.56 -15.08
N PRO A 266 -14.85 -1.02 -15.71
CA PRO A 266 -13.74 -0.42 -14.96
C PRO A 266 -14.10 0.96 -14.44
N ILE A 267 -13.59 1.32 -13.27
CA ILE A 267 -13.67 2.69 -12.78
C ILE A 267 -12.52 3.47 -13.42
N TYR A 268 -12.87 4.53 -14.14
CA TYR A 268 -11.93 5.41 -14.83
C TYR A 268 -11.45 6.56 -13.96
N PHE A 269 -12.40 7.25 -13.31
CA PHE A 269 -12.07 8.41 -12.48
C PHE A 269 -12.91 8.43 -11.20
N ALA A 270 -12.36 9.07 -10.16
CA ALA A 270 -13.09 9.40 -8.92
C ALA A 270 -13.24 10.90 -8.83
N GLY A 271 -14.44 11.36 -8.49
CA GLY A 271 -14.68 12.75 -8.13
C GLY A 271 -14.48 12.94 -6.65
N VAL A 272 -13.60 13.88 -6.27
CA VAL A 272 -13.16 14.05 -4.88
C VAL A 272 -13.39 15.46 -4.31
N SER A 273 -14.12 16.32 -5.03
CA SER A 273 -14.52 17.65 -4.57
C SER A 273 -15.43 18.27 -5.60
N GLU A 274 -16.05 19.41 -5.29
N GLU A 274 -16.04 19.38 -5.24
CA GLU A 274 -16.89 20.12 -6.27
CA GLU A 274 -16.86 20.16 -6.15
C GLU A 274 -16.11 21.10 -7.16
C GLU A 274 -16.08 20.90 -7.24
N LYS A 275 -14.79 21.17 -6.99
CA LYS A 275 -13.99 22.03 -7.87
C LYS A 275 -13.63 21.34 -9.16
N PRO A 276 -13.35 22.09 -10.25
CA PRO A 276 -12.87 21.49 -11.52
C PRO A 276 -11.58 20.68 -11.38
N GLU A 277 -10.79 20.98 -10.36
CA GLU A 277 -9.59 20.21 -10.03
C GLU A 277 -9.90 18.92 -9.24
N GLY A 278 -11.17 18.70 -8.87
CA GLY A 278 -11.52 17.58 -7.99
C GLY A 278 -11.61 16.21 -8.67
N LEU A 279 -10.62 15.84 -9.46
CA LEU A 279 -10.73 14.64 -10.30
C LEU A 279 -9.44 13.81 -10.23
N GLU A 280 -9.56 12.52 -9.90
CA GLU A 280 -8.41 11.64 -9.76
C GLU A 280 -8.54 10.48 -10.74
N PRO A 281 -7.51 10.15 -11.51
CA PRO A 281 -7.56 8.89 -12.26
C PRO A 281 -7.63 7.78 -11.21
N PHE A 282 -8.37 6.73 -11.51
CA PHE A 282 -8.65 5.73 -10.52
C PHE A 282 -7.66 4.59 -10.46
N TYR A 283 -7.01 4.44 -9.32
CA TYR A 283 -6.04 3.39 -9.07
C TYR A 283 -6.55 2.61 -7.87
N PRO A 284 -7.02 1.38 -8.10
CA PRO A 284 -7.47 0.55 -6.99
C PRO A 284 -6.53 0.53 -5.81
N GLU A 285 -5.24 0.39 -6.05
CA GLU A 285 -4.27 0.26 -4.98
C GLU A 285 -4.15 1.54 -4.14
N ARG A 286 -4.33 2.70 -4.74
CA ARG A 286 -4.27 3.94 -3.95
C ARG A 286 -5.43 4.05 -3.00
N LEU A 287 -6.62 3.79 -3.52
CA LEU A 287 -7.85 3.84 -2.71
C LEU A 287 -7.80 2.74 -1.62
N ALA A 288 -7.35 1.54 -2.00
CA ALA A 288 -7.21 0.47 -1.03
C ALA A 288 -6.34 0.95 0.15
N GLY A 289 -5.18 1.56 -0.16
CA GLY A 289 -4.29 2.11 0.85
C GLY A 289 -4.98 3.17 1.69
N ARG A 290 -5.67 4.07 1.02
CA ARG A 290 -6.33 5.18 1.66
C ARG A 290 -7.41 4.71 2.65
N ILE A 291 -8.16 3.68 2.28
CA ILE A 291 -9.21 3.15 3.16
C ILE A 291 -8.62 2.57 4.44
N LEU A 292 -7.42 1.99 4.35
CA LEU A 292 -6.77 1.45 5.53
C LEU A 292 -5.92 2.51 6.24
N GLY A 293 -5.99 3.76 5.84
CA GLY A 293 -5.37 4.84 6.59
C GLY A 293 -4.16 5.54 5.97
N MET A 294 -3.73 5.10 4.82
CA MET A 294 -2.53 5.64 4.24
C MET A 294 -2.78 7.08 3.78
N GLY A 295 -1.92 8.01 4.17
CA GLY A 295 -2.06 9.43 3.82
C GLY A 295 -3.17 10.21 4.53
N MET B 1 4.45 4.40 13.86
CA MET B 1 5.83 3.81 13.87
C MET B 1 6.78 4.58 12.96
N PHE B 2 7.94 4.93 13.53
CA PHE B 2 8.83 5.93 12.95
C PHE B 2 8.05 7.25 12.92
N GLN B 3 7.44 7.57 14.06
CA GLN B 3 6.42 8.63 14.18
C GLN B 3 6.82 10.01 13.60
N GLN B 4 8.00 10.50 13.95
CA GLN B 4 8.47 11.75 13.41
C GLN B 4 8.56 11.71 11.88
N LEU B 5 9.23 10.70 11.34
CA LEU B 5 9.38 10.57 9.90
C LEU B 5 8.01 10.44 9.25
N SER B 6 7.17 9.60 9.86
CA SER B 6 5.82 9.35 9.37
C SER B 6 5.06 10.65 9.26
N ALA B 7 5.14 11.48 10.28
CA ALA B 7 4.38 12.71 10.29
C ALA B 7 4.87 13.71 9.26
N ARG B 8 6.19 13.87 9.10
CA ARG B 8 6.76 14.83 8.14
C ARG B 8 6.46 14.48 6.68
N LEU B 9 6.47 13.20 6.35
CA LEU B 9 6.15 12.78 4.99
C LEU B 9 4.66 12.98 4.69
N GLN B 10 3.81 12.59 5.61
CA GLN B 10 2.38 12.76 5.39
C GLN B 10 1.97 14.22 5.35
N GLU B 11 2.67 15.04 6.14
CA GLU B 11 2.52 16.51 6.10
C GLU B 11 2.98 17.11 4.77
N ALA B 12 4.06 16.58 4.19
CA ALA B 12 4.50 17.10 2.88
C ALA B 12 3.43 16.81 1.84
N ILE B 13 2.82 15.65 1.95
CA ILE B 13 1.80 15.24 1.01
C ILE B 13 0.54 16.04 1.24
N GLY B 14 0.17 16.20 2.51
CA GLY B 14 -1.00 16.97 2.89
C GLY B 14 -1.02 18.39 2.34
N ARG B 15 0.15 19.04 2.30
CA ARG B 15 0.27 20.44 1.86
C ARG B 15 -0.22 20.62 0.44
N LEU B 16 -0.09 19.56 -0.35
CA LEU B 16 -0.48 19.58 -1.76
C LEU B 16 -1.95 19.34 -2.00
N ARG B 17 -2.56 18.54 -1.12
CA ARG B 17 -3.87 17.93 -1.35
C ARG B 17 -4.90 19.03 -1.41
N GLY B 18 -5.76 18.99 -2.42
CA GLY B 18 -6.82 19.99 -2.56
C GLY B 18 -6.38 21.38 -3.03
N ARG B 19 -5.15 21.52 -3.55
CA ARG B 19 -4.69 22.82 -4.02
C ARG B 19 -4.38 22.84 -5.51
N GLY B 20 -4.62 21.72 -6.21
CA GLY B 20 -4.62 21.73 -7.65
C GLY B 20 -3.25 21.46 -8.23
N ARG B 21 -3.12 21.76 -9.53
CA ARG B 21 -1.94 21.50 -10.34
C ARG B 21 -0.70 22.24 -9.79
N ILE B 22 0.43 21.56 -9.72
CA ILE B 22 1.65 22.16 -9.17
C ILE B 22 2.61 22.50 -10.29
N THR B 23 3.45 23.51 -10.09
CA THR B 23 4.56 23.80 -11.04
C THR B 23 5.83 23.03 -10.72
N GLU B 24 6.83 23.14 -11.61
CA GLU B 24 8.12 22.50 -11.44
C GLU B 24 8.77 23.00 -10.15
N GLU B 25 8.61 24.29 -9.83
CA GLU B 25 9.19 24.86 -8.61
C GLU B 25 8.46 24.30 -7.37
N ASP B 26 7.13 24.15 -7.44
CA ASP B 26 6.33 23.55 -6.35
C ASP B 26 6.84 22.12 -6.06
N LEU B 27 7.05 21.33 -7.11
CA LEU B 27 7.62 20.01 -7.01
C LEU B 27 9.01 20.00 -6.36
N LYS B 28 9.91 20.89 -6.80
CA LYS B 28 11.20 21.06 -6.14
C LYS B 28 11.03 21.37 -4.62
N ALA B 29 10.04 22.16 -4.23
CA ALA B 29 9.84 22.50 -2.81
C ALA B 29 9.44 21.27 -1.99
N THR B 30 8.52 20.48 -2.56
CA THR B 30 8.11 19.21 -1.97
C THR B 30 9.28 18.23 -1.86
N LEU B 31 10.11 18.12 -2.89
CA LEU B 31 11.29 17.27 -2.85
C LEU B 31 12.24 17.67 -1.71
N ARG B 32 12.45 18.98 -1.55
N ARG B 32 12.46 18.97 -1.50
CA ARG B 32 13.18 19.53 -0.40
CA ARG B 32 13.26 19.41 -0.37
C ARG B 32 12.59 19.13 0.94
C ARG B 32 12.60 19.14 0.99
N GLU B 33 11.28 19.25 1.07
CA GLU B 33 10.59 18.86 2.30
C GLU B 33 10.82 17.38 2.64
N ILE B 34 10.87 16.53 1.62
CA ILE B 34 11.09 15.09 1.76
C ILE B 34 12.55 14.81 2.19
N ARG B 35 13.52 15.45 1.52
CA ARG B 35 14.94 15.35 1.84
C ARG B 35 15.14 15.68 3.32
N ARG B 36 14.54 16.80 3.73
CA ARG B 36 14.61 17.29 5.12
C ARG B 36 14.04 16.30 6.10
N ALA B 37 12.92 15.68 5.77
CA ALA B 37 12.31 14.71 6.69
C ALA B 37 13.25 13.54 6.89
N LEU B 38 13.86 13.08 5.79
CA LEU B 38 14.78 11.97 5.80
C LEU B 38 16.00 12.31 6.65
N MET B 39 16.60 13.49 6.44
CA MET B 39 17.81 13.88 7.15
C MET B 39 17.52 14.03 8.62
N ASP B 40 16.36 14.62 8.98
CA ASP B 40 16.03 14.76 10.38
C ASP B 40 15.77 13.40 11.00
N ALA B 41 15.46 12.40 10.19
CA ALA B 41 15.25 11.02 10.66
C ALA B 41 16.54 10.20 10.68
N ASP B 42 17.70 10.85 10.49
CA ASP B 42 19.00 10.20 10.61
C ASP B 42 19.19 9.15 9.50
N VAL B 43 18.63 9.42 8.34
CA VAL B 43 18.83 8.54 7.17
C VAL B 43 20.22 8.81 6.60
N ASN B 44 20.83 7.76 6.08
CA ASN B 44 22.13 7.81 5.38
C ASN B 44 22.02 8.75 4.20
N LEU B 45 23.02 9.61 4.08
CA LEU B 45 23.07 10.67 3.05
C LEU B 45 22.84 10.17 1.64
N GLU B 46 23.56 9.12 1.29
CA GLU B 46 23.41 8.53 -0.03
C GLU B 46 22.02 7.89 -0.23
N VAL B 47 21.46 7.29 0.81
CA VAL B 47 20.10 6.73 0.73
C VAL B 47 19.05 7.84 0.49
N ALA B 48 19.21 8.95 1.18
CA ALA B 48 18.33 10.12 1.05
C ALA B 48 18.41 10.66 -0.34
N ARG B 49 19.64 10.84 -0.82
CA ARG B 49 19.88 11.24 -2.22
C ARG B 49 19.08 10.37 -3.20
N ASP B 50 19.34 9.06 -3.20
CA ASP B 50 18.62 8.07 -4.04
C ASP B 50 17.09 8.17 -3.92
N PHE B 51 16.60 8.29 -2.69
CA PHE B 51 15.17 8.31 -2.39
C PHE B 51 14.52 9.50 -3.10
N VAL B 52 15.08 10.69 -2.90
CA VAL B 52 14.50 11.88 -3.48
C VAL B 52 14.59 11.79 -4.98
N GLU B 53 15.72 11.35 -5.50
CA GLU B 53 15.88 11.19 -6.95
C GLU B 53 14.86 10.20 -7.51
N ARG B 54 14.59 9.12 -6.78
CA ARG B 54 13.58 8.17 -7.20
C ARG B 54 12.17 8.80 -7.21
N VAL B 55 11.82 9.56 -6.17
CA VAL B 55 10.51 10.20 -6.12
C VAL B 55 10.41 11.17 -7.28
N ARG B 56 11.42 12.00 -7.51
CA ARG B 56 11.40 12.95 -8.63
C ARG B 56 11.13 12.25 -9.98
N GLU B 57 11.97 11.27 -10.29
CA GLU B 57 11.89 10.56 -11.57
C GLU B 57 10.55 9.88 -11.77
N GLU B 58 10.11 9.12 -10.77
CA GLU B 58 8.88 8.34 -10.90
C GLU B 58 7.67 9.27 -10.96
N ALA B 59 7.70 10.38 -10.20
CA ALA B 59 6.59 11.34 -10.26
C ALA B 59 6.51 12.02 -11.63
N LEU B 60 7.66 12.41 -12.18
CA LEU B 60 7.69 13.00 -13.53
C LEU B 60 7.28 11.97 -14.60
N GLY B 61 7.54 10.69 -14.31
CA GLY B 61 7.12 9.61 -15.18
C GLY B 61 5.62 9.36 -15.16
N LYS B 62 4.94 9.77 -14.08
CA LYS B 62 3.47 9.79 -14.00
C LYS B 62 2.84 11.17 -14.28
N GLN B 63 3.55 12.02 -15.03
CA GLN B 63 3.07 13.33 -15.43
C GLN B 63 2.49 14.11 -14.26
N VAL B 64 3.23 14.16 -13.17
CA VAL B 64 2.79 14.85 -11.94
C VAL B 64 2.53 16.34 -12.15
N LEU B 65 3.24 16.96 -13.09
CA LEU B 65 3.04 18.37 -13.38
C LEU B 65 1.74 18.61 -14.15
N GLU B 66 1.14 17.54 -14.65
CA GLU B 66 -0.13 17.65 -15.38
C GLU B 66 -1.34 17.20 -14.55
N SER B 67 -1.08 16.52 -13.44
CA SER B 67 -2.11 16.09 -12.50
C SER B 67 -2.84 17.23 -11.81
N LEU B 68 -4.14 17.05 -11.67
CA LEU B 68 -4.97 17.98 -10.92
C LEU B 68 -4.97 17.64 -9.44
N THR B 69 -4.48 16.44 -9.12
CA THR B 69 -4.34 15.91 -7.75
C THR B 69 -2.96 15.35 -7.53
N PRO B 70 -1.92 16.19 -7.60
CA PRO B 70 -0.55 15.70 -7.48
C PRO B 70 -0.18 15.07 -6.14
N ALA B 71 -0.85 15.47 -5.04
CA ALA B 71 -0.66 14.83 -3.76
C ALA B 71 -0.78 13.31 -3.81
N GLU B 72 -1.67 12.79 -4.65
CA GLU B 72 -1.86 11.34 -4.76
C GLU B 72 -0.68 10.70 -5.52
N VAL B 73 -0.12 11.41 -6.48
CA VAL B 73 1.02 10.89 -7.24
C VAL B 73 2.22 10.84 -6.31
N ILE B 74 2.40 11.89 -5.54
CA ILE B 74 3.49 11.95 -4.60
C ILE B 74 3.38 10.89 -3.51
N LEU B 75 2.21 10.76 -2.90
CA LEU B 75 1.96 9.66 -1.98
C LEU B 75 2.39 8.30 -2.54
N ALA B 76 1.91 7.95 -3.72
CA ALA B 76 2.19 6.66 -4.36
C ALA B 76 3.67 6.49 -4.61
N THR B 77 4.34 7.55 -5.05
CA THR B 77 5.77 7.48 -5.36
C THR B 77 6.66 7.47 -4.11
N VAL B 78 6.22 8.17 -3.06
CA VAL B 78 6.88 8.08 -1.76
C VAL B 78 6.76 6.65 -1.15
N TYR B 79 5.54 6.09 -1.22
CA TYR B 79 5.32 4.70 -0.84
C TYR B 79 6.26 3.75 -1.59
N GLU B 80 6.33 3.89 -2.91
CA GLU B 80 7.22 3.04 -3.69
C GLU B 80 8.70 3.29 -3.32
N ALA B 81 9.09 4.52 -3.05
CA ALA B 81 10.49 4.75 -2.66
C ALA B 81 10.86 4.15 -1.30
N LEU B 82 9.95 4.20 -0.33
CA LEU B 82 10.17 3.56 0.96
C LEU B 82 10.34 2.04 0.79
N LYS B 83 9.48 1.47 -0.04
CA LYS B 83 9.42 0.07 -0.28
C LYS B 83 10.75 -0.36 -0.89
N GLU B 84 11.22 0.37 -1.88
N GLU B 84 11.21 0.36 -1.92
CA GLU B 84 12.49 -0.01 -2.54
CA GLU B 84 12.53 0.04 -2.55
C GLU B 84 13.71 0.19 -1.62
C GLU B 84 13.65 0.13 -1.52
N ALA B 85 13.69 1.20 -0.76
CA ALA B 85 14.76 1.44 0.20
C ALA B 85 14.85 0.34 1.26
N LEU B 86 13.71 -0.26 1.63
CA LEU B 86 13.61 -1.38 2.59
C LEU B 86 13.87 -2.75 1.97
N GLY B 87 13.94 -2.81 0.65
CA GLY B 87 14.49 -3.94 -0.11
C GLY B 87 13.60 -4.48 -1.23
N GLY B 88 12.48 -3.82 -1.49
CA GLY B 88 11.61 -4.22 -2.58
C GLY B 88 10.54 -5.28 -2.31
N GLU B 89 10.96 -6.52 -2.32
CA GLU B 89 10.10 -7.66 -2.10
C GLU B 89 10.70 -8.37 -0.88
N ALA B 90 9.86 -9.09 -0.13
CA ALA B 90 10.31 -9.92 0.98
C ALA B 90 11.35 -10.90 0.46
N ARG B 91 12.36 -11.19 1.29
CA ARG B 91 13.32 -12.24 0.99
C ARG B 91 13.61 -12.98 2.27
N LEU B 92 12.72 -13.89 2.63
CA LEU B 92 12.76 -14.61 3.90
C LEU B 92 13.68 -15.81 3.80
N PRO B 93 14.26 -16.23 4.91
CA PRO B 93 15.04 -17.46 4.94
C PRO B 93 14.27 -18.65 4.42
N VAL B 94 14.92 -19.46 3.61
CA VAL B 94 14.32 -20.74 3.18
C VAL B 94 15.06 -21.84 3.95
N LEU B 95 14.29 -22.51 4.79
CA LEU B 95 14.80 -23.59 5.64
C LEU B 95 14.78 -24.91 4.88
N LYS B 96 15.72 -25.78 5.21
CA LYS B 96 15.76 -27.09 4.60
C LYS B 96 15.58 -28.08 5.74
N ASP B 97 16.03 -29.34 5.62
CA ASP B 97 15.72 -30.33 6.67
C ASP B 97 16.44 -30.05 7.97
N ARG B 98 17.70 -29.65 7.85
CA ARG B 98 18.56 -29.23 8.97
C ARG B 98 19.10 -27.82 8.73
N ASN B 99 19.12 -27.06 9.81
CA ASN B 99 19.36 -25.64 9.75
C ASN B 99 20.15 -25.20 11.01
N LEU B 100 21.27 -24.53 10.81
CA LEU B 100 22.03 -23.91 11.88
C LEU B 100 22.24 -22.40 11.60
N TRP B 101 21.74 -21.54 12.49
CA TRP B 101 21.83 -20.10 12.28
C TRP B 101 22.68 -19.44 13.38
N PHE B 102 23.45 -18.42 13.04
CA PHE B 102 24.18 -17.61 14.03
C PHE B 102 23.39 -16.35 14.19
N LEU B 103 23.27 -15.89 15.41
CA LEU B 103 22.90 -14.50 15.67
C LEU B 103 24.15 -13.70 16.09
N VAL B 104 24.48 -12.65 15.34
CA VAL B 104 25.66 -11.83 15.57
C VAL B 104 25.32 -10.37 15.70
N GLY B 105 26.23 -9.64 16.36
CA GLY B 105 26.08 -8.23 16.67
C GLY B 105 26.63 -7.82 18.06
N LEU B 106 26.37 -6.55 18.40
CA LEU B 106 26.87 -5.95 19.61
C LEU B 106 25.97 -6.27 20.74
N GLN B 107 26.55 -6.26 21.94
CA GLN B 107 25.77 -6.40 23.16
C GLN B 107 24.73 -5.29 23.19
N GLY B 108 23.57 -5.64 23.69
CA GLY B 108 22.44 -4.73 23.65
C GLY B 108 21.69 -4.63 22.33
N SER B 109 22.12 -5.30 21.29
CA SER B 109 21.44 -5.22 20.02
C SER B 109 20.06 -5.96 20.03
N GLY B 110 19.92 -6.93 20.91
CA GLY B 110 18.73 -7.74 20.94
C GLY B 110 18.91 -9.18 20.52
N LYS B 111 20.15 -9.71 20.59
CA LYS B 111 20.51 -11.01 20.03
C LYS B 111 19.78 -12.11 20.85
N THR B 112 19.89 -12.06 22.17
CA THR B 112 19.32 -13.13 23.02
C THR B 112 17.81 -13.18 22.93
N THR B 113 17.19 -12.00 22.96
CA THR B 113 15.78 -11.88 22.80
C THR B 113 15.36 -12.42 21.42
N THR B 114 16.09 -12.02 20.39
CA THR B 114 15.80 -12.43 19.02
C THR B 114 15.94 -13.95 18.86
N ALA B 115 16.93 -14.55 19.54
CA ALA B 115 17.13 -15.98 19.41
C ALA B 115 15.87 -16.69 19.89
N ALA B 116 15.39 -16.27 21.05
CA ALA B 116 14.28 -16.94 21.73
C ALA B 116 12.98 -16.67 20.93
N LYS B 117 12.87 -15.47 20.36
CA LYS B 117 11.73 -15.14 19.53
C LYS B 117 11.72 -16.05 18.29
N LEU B 118 12.89 -16.25 17.68
CA LEU B 118 12.98 -17.10 16.50
C LEU B 118 12.70 -18.53 16.84
N ALA B 119 13.09 -19.01 18.02
CA ALA B 119 12.79 -20.38 18.40
C ALA B 119 11.28 -20.51 18.53
N LEU B 120 10.65 -19.52 19.13
CA LEU B 120 9.20 -19.57 19.33
C LEU B 120 8.46 -19.49 17.99
N TYR B 121 8.89 -18.59 17.13
CA TYR B 121 8.26 -18.40 15.81
C TYR B 121 8.29 -19.71 15.03
N TYR B 122 9.46 -20.31 14.92
CA TYR B 122 9.59 -21.52 14.11
C TYR B 122 9.03 -22.74 14.83
N LYS B 123 8.98 -22.78 16.16
CA LYS B 123 8.32 -23.86 16.90
C LYS B 123 6.84 -23.91 16.47
N GLY B 124 6.23 -22.75 16.31
CA GLY B 124 4.83 -22.66 15.91
C GLY B 124 4.61 -22.91 14.43
N LYS B 125 5.69 -22.83 13.64
CA LYS B 125 5.60 -23.22 12.22
C LYS B 125 5.99 -24.67 11.95
N GLY B 126 6.11 -25.50 12.99
CA GLY B 126 6.35 -26.93 12.83
C GLY B 126 7.81 -27.40 12.96
N ARG B 127 8.71 -26.51 13.34
CA ARG B 127 10.09 -26.90 13.58
C ARG B 127 10.34 -27.24 15.02
N ARG B 128 11.42 -27.96 15.27
CA ARG B 128 11.90 -28.24 16.62
C ARG B 128 13.26 -27.54 16.85
N PRO B 129 13.26 -26.37 17.48
CA PRO B 129 14.51 -25.64 17.71
C PRO B 129 15.37 -26.08 18.92
N LEU B 130 16.65 -25.74 18.85
CA LEU B 130 17.63 -25.79 19.94
C LEU B 130 18.30 -24.45 19.99
N LEU B 131 18.28 -23.83 21.16
CA LEU B 131 18.99 -22.61 21.36
C LEU B 131 20.32 -23.00 21.91
N VAL B 132 21.34 -22.23 21.53
CA VAL B 132 22.71 -22.46 22.01
C VAL B 132 23.22 -21.16 22.55
N ALA B 133 23.69 -21.17 23.77
CA ALA B 133 24.31 -19.99 24.31
C ALA B 133 25.82 -20.12 24.18
N ALA B 134 26.42 -19.42 23.22
CA ALA B 134 27.80 -19.67 22.78
C ALA B 134 28.89 -18.70 23.28
N ASP B 135 28.56 -17.75 24.13
CA ASP B 135 29.56 -16.87 24.74
C ASP B 135 30.45 -17.64 25.72
N THR B 136 31.67 -17.96 25.30
CA THR B 136 32.58 -18.81 26.11
C THR B 136 33.26 -18.08 27.25
N GLN B 137 33.06 -16.77 27.39
CA GLN B 137 33.73 -15.98 28.44
C GLN B 137 32.81 -15.50 29.56
N ARG B 138 31.49 -15.39 29.30
CA ARG B 138 30.55 -14.72 30.20
C ARG B 138 29.44 -15.64 30.70
N PRO B 139 29.44 -15.99 32.00
CA PRO B 139 28.42 -16.91 32.53
C PRO B 139 26.99 -16.34 32.46
N ALA B 140 26.85 -15.02 32.60
CA ALA B 140 25.54 -14.39 32.73
C ALA B 140 24.87 -14.12 31.39
N ALA B 141 25.66 -13.84 30.35
CA ALA B 141 25.15 -13.88 28.98
C ALA B 141 24.48 -15.22 28.61
N ARG B 142 25.07 -16.34 29.07
CA ARG B 142 24.52 -17.68 28.83
C ARG B 142 23.27 -17.95 29.65
N GLU B 143 23.28 -17.46 30.89
CA GLU B 143 22.17 -17.64 31.84
C GLU B 143 20.97 -16.84 31.36
N GLN B 144 21.24 -15.68 30.77
CA GLN B 144 20.21 -14.85 30.18
C GLN B 144 19.41 -15.69 29.15
N LEU B 145 20.07 -16.50 28.32
CA LEU B 145 19.35 -17.26 27.30
C LEU B 145 18.69 -18.47 27.90
N ARG B 146 19.28 -18.98 28.97
CA ARG B 146 18.72 -20.14 29.67
C ARG B 146 17.31 -19.83 30.12
N LEU B 147 17.12 -18.58 30.57
CA LEU B 147 15.84 -18.10 31.12
C LEU B 147 14.81 -17.81 30.04
N LEU B 148 15.15 -17.03 29.00
CA LEU B 148 14.21 -16.80 27.89
C LEU B 148 13.81 -18.10 27.24
N GLY B 149 14.73 -19.05 27.19
CA GLY B 149 14.49 -20.36 26.64
C GLY B 149 13.44 -21.09 27.43
N GLU B 150 13.53 -21.07 28.76
CA GLU B 150 12.43 -21.65 29.58
C GLU B 150 11.08 -20.91 29.34
N LYS B 151 11.11 -19.59 29.14
CA LYS B 151 9.90 -18.79 28.82
C LYS B 151 9.19 -19.26 27.56
N VAL B 152 9.94 -19.81 26.58
CA VAL B 152 9.35 -20.25 25.30
C VAL B 152 9.33 -21.75 25.11
N GLY B 153 9.76 -22.52 26.10
CA GLY B 153 9.64 -23.97 25.98
C GLY B 153 10.66 -24.63 25.05
N VAL B 154 11.85 -24.05 24.98
CA VAL B 154 12.91 -24.54 24.10
C VAL B 154 14.24 -24.69 24.89
N PRO B 155 14.83 -25.87 24.84
CA PRO B 155 16.08 -26.12 25.56
C PRO B 155 17.24 -25.24 25.10
N VAL B 156 18.13 -24.94 26.04
CA VAL B 156 19.31 -24.16 25.79
C VAL B 156 20.52 -25.03 26.13
N LEU B 157 21.37 -25.28 25.14
CA LEU B 157 22.70 -25.82 25.35
C LEU B 157 23.64 -24.67 25.62
N GLU B 158 24.33 -24.74 26.75
CA GLU B 158 25.21 -23.71 27.24
C GLU B 158 26.65 -24.17 27.07
N VAL B 159 27.48 -23.38 26.40
CA VAL B 159 28.85 -23.73 26.21
C VAL B 159 29.59 -23.55 27.53
N MET B 160 30.71 -24.22 27.67
CA MET B 160 31.53 -24.15 28.86
C MET B 160 32.52 -23.03 28.71
N ASP B 161 33.13 -22.63 29.83
CA ASP B 161 34.07 -21.52 29.83
C ASP B 161 35.31 -21.89 29.01
N GLY B 162 35.68 -21.02 28.08
CA GLY B 162 36.80 -21.24 27.17
C GLY B 162 36.65 -22.36 26.14
N GLU B 163 35.46 -22.90 25.95
CA GLU B 163 35.28 -24.09 25.10
C GLU B 163 35.69 -23.84 23.67
N SER B 164 36.28 -24.85 23.04
CA SER B 164 36.80 -24.73 21.67
C SER B 164 35.66 -24.84 20.70
N PRO B 165 35.75 -24.19 19.53
CA PRO B 165 34.70 -24.36 18.51
C PRO B 165 34.48 -25.83 18.15
N GLU B 166 35.48 -26.70 18.13
CA GLU B 166 35.22 -28.10 17.72
C GLU B 166 34.39 -28.87 18.74
N SER B 167 34.63 -28.66 20.03
CA SER B 167 33.87 -29.29 21.11
C SER B 167 32.46 -28.75 21.15
N ILE B 168 32.29 -27.45 20.91
CA ILE B 168 30.95 -26.89 20.76
C ILE B 168 30.18 -27.57 19.65
N ARG B 169 30.81 -27.69 18.49
CA ARG B 169 30.20 -28.34 17.35
C ARG B 169 29.80 -29.74 17.71
N ARG B 170 30.67 -30.46 18.38
CA ARG B 170 30.39 -31.88 18.68
C ARG B 170 29.15 -32.00 19.56
N ARG B 171 29.09 -31.23 20.62
CA ARG B 171 27.98 -31.33 21.56
C ARG B 171 26.67 -30.81 20.94
N VAL B 172 26.76 -29.74 20.15
CA VAL B 172 25.57 -29.18 19.51
C VAL B 172 25.03 -30.21 18.50
N GLU B 173 25.92 -30.77 17.67
CA GLU B 173 25.44 -31.71 16.66
C GLU B 173 24.88 -33.02 17.27
N GLU B 174 25.48 -33.48 18.36
CA GLU B 174 25.01 -34.67 19.05
C GLU B 174 23.63 -34.45 19.64
N LYS B 175 23.42 -33.34 20.33
CA LYS B 175 22.11 -33.04 20.94
C LYS B 175 21.04 -32.88 19.87
N ALA B 176 21.35 -32.13 18.81
CA ALA B 176 20.40 -31.94 17.73
C ALA B 176 20.05 -33.28 17.05
N ARG B 177 21.01 -34.17 16.95
CA ARG B 177 20.80 -35.45 16.26
C ARG B 177 19.94 -36.40 17.13
N LEU B 178 20.24 -36.48 18.41
CA LEU B 178 19.55 -37.42 19.31
C LEU B 178 18.13 -36.97 19.57
N GLU B 179 17.91 -35.65 19.55
CA GLU B 179 16.58 -35.08 19.78
C GLU B 179 15.85 -34.57 18.55
N ALA B 180 16.34 -34.90 17.34
CA ALA B 180 15.75 -34.39 16.10
C ALA B 180 15.42 -32.89 16.14
N ARG B 181 16.41 -32.07 16.46
CA ARG B 181 16.23 -30.64 16.46
C ARG B 181 16.73 -30.10 15.15
N ASP B 182 15.81 -29.55 14.37
CA ASP B 182 16.10 -29.21 13.00
C ASP B 182 16.31 -27.71 12.74
N LEU B 183 16.28 -26.88 13.77
CA LEU B 183 16.75 -25.48 13.70
C LEU B 183 17.57 -25.18 14.93
N ILE B 184 18.85 -24.92 14.73
CA ILE B 184 19.77 -24.62 15.83
C ILE B 184 20.07 -23.11 15.73
N LEU B 185 19.79 -22.36 16.78
CA LEU B 185 19.93 -20.90 16.83
C LEU B 185 21.05 -20.55 17.81
N VAL B 186 22.19 -20.08 17.30
CA VAL B 186 23.37 -19.84 18.11
C VAL B 186 23.51 -18.36 18.46
N ASP B 187 23.36 -18.07 19.76
CA ASP B 187 23.49 -16.72 20.27
C ASP B 187 24.96 -16.52 20.61
N THR B 188 25.66 -15.73 19.79
CA THR B 188 27.13 -15.55 19.95
C THR B 188 27.47 -14.36 20.84
N ALA B 189 28.71 -14.36 21.33
CA ALA B 189 29.21 -13.34 22.24
C ALA B 189 29.14 -11.98 21.60
N GLY B 190 28.75 -11.00 22.40
CA GLY B 190 28.70 -9.62 21.98
C GLY B 190 29.25 -8.70 23.08
N ARG B 191 29.97 -7.66 22.67
CA ARG B 191 30.54 -6.69 23.57
C ARG B 191 30.02 -5.35 23.13
N LEU B 192 30.31 -4.30 23.89
CA LEU B 192 29.69 -3.02 23.63
C LEU B 192 30.24 -2.39 22.42
N GLN B 193 31.50 -2.73 22.12
CA GLN B 193 32.13 -2.30 20.90
C GLN B 193 32.69 -3.51 20.12
N ILE B 194 32.92 -3.33 18.83
CA ILE B 194 33.67 -4.33 18.06
C ILE B 194 34.92 -4.72 18.82
N ASP B 195 35.08 -6.00 19.08
CA ASP B 195 36.29 -6.45 19.70
C ASP B 195 37.04 -7.33 18.70
N GLU B 196 38.20 -6.85 18.23
CA GLU B 196 38.89 -7.55 17.13
C GLU B 196 39.29 -8.98 17.49
N PRO B 197 39.87 -9.24 18.67
CA PRO B 197 40.11 -10.62 19.10
C PRO B 197 38.84 -11.50 19.14
N LEU B 198 37.75 -10.97 19.69
CA LEU B 198 36.47 -11.66 19.69
C LEU B 198 35.97 -11.93 18.27
N MET B 199 36.15 -10.98 17.37
CA MET B 199 35.70 -11.18 16.01
C MET B 199 36.45 -12.35 15.32
N GLY B 200 37.73 -12.51 15.67
CA GLY B 200 38.52 -13.66 15.29
C GLY B 200 38.03 -14.96 15.88
N GLU B 201 37.68 -15.03 17.16
CA GLU B 201 36.97 -16.20 17.69
C GLU B 201 35.64 -16.50 16.98
N LEU B 202 34.89 -15.45 16.69
CA LEU B 202 33.61 -15.59 16.00
C LEU B 202 33.84 -16.18 14.58
N ALA B 203 34.87 -15.71 13.89
CA ALA B 203 35.21 -16.22 12.55
C ALA B 203 35.57 -17.70 12.58
N ARG B 204 36.39 -18.10 13.56
CA ARG B 204 36.70 -19.50 13.82
C ARG B 204 35.45 -20.35 14.16
N LEU B 205 34.58 -19.84 15.03
CA LEU B 205 33.32 -20.51 15.34
C LEU B 205 32.48 -20.72 14.10
N LYS B 206 32.36 -19.68 13.26
CA LYS B 206 31.58 -19.78 12.04
C LYS B 206 32.19 -20.84 11.09
N GLU B 207 33.51 -20.85 10.97
CA GLU B 207 34.20 -21.77 10.07
C GLU B 207 33.92 -23.21 10.50
N VAL B 208 33.96 -23.47 11.80
CA VAL B 208 33.82 -24.83 12.30
C VAL B 208 32.37 -25.31 12.32
N LEU B 209 31.44 -24.48 12.79
N LEU B 209 31.44 -24.49 12.79
CA LEU B 209 30.03 -24.86 12.83
CA LEU B 209 30.02 -24.87 12.83
C LEU B 209 29.32 -24.77 11.46
C LEU B 209 29.34 -24.79 11.45
N GLY B 210 29.83 -23.94 10.54
CA GLY B 210 29.25 -23.75 9.22
C GLY B 210 27.74 -23.46 9.13
N PRO B 211 27.33 -22.32 9.72
CA PRO B 211 25.92 -21.94 9.72
C PRO B 211 25.42 -21.69 8.32
N ASP B 212 24.15 -22.02 8.13
CA ASP B 212 23.42 -21.79 6.92
C ASP B 212 22.99 -20.34 6.73
N GLU B 213 22.84 -19.67 7.86
CA GLU B 213 22.60 -18.23 7.93
C GLU B 213 23.31 -17.62 9.10
N VAL B 214 23.63 -16.34 8.90
CA VAL B 214 24.27 -15.50 9.88
C VAL B 214 23.46 -14.19 9.95
N LEU B 215 22.65 -14.10 10.99
CA LEU B 215 21.78 -12.96 11.25
C LEU B 215 22.52 -11.90 12.07
N LEU B 216 22.73 -10.76 11.45
CA LEU B 216 23.24 -9.59 12.15
C LEU B 216 22.09 -8.81 12.80
N VAL B 217 22.13 -8.76 14.13
CA VAL B 217 21.10 -8.10 14.90
C VAL B 217 21.56 -6.67 15.15
N LEU B 218 20.66 -5.73 14.86
CA LEU B 218 20.90 -4.30 14.89
C LEU B 218 19.78 -3.56 15.60
N ASP B 219 20.16 -2.79 16.60
CA ASP B 219 19.23 -1.98 17.36
C ASP B 219 18.89 -0.76 16.50
N ALA B 220 17.67 -0.70 16.01
CA ALA B 220 17.25 0.36 15.11
C ALA B 220 17.23 1.75 15.79
N MET B 221 17.15 1.78 17.12
CA MET B 221 17.12 3.03 17.86
C MET B 221 18.45 3.79 17.85
N THR B 222 19.56 3.11 17.63
CA THR B 222 20.89 3.71 17.61
C THR B 222 21.25 4.39 16.27
N GLY B 223 20.34 4.32 15.30
CA GLY B 223 20.47 5.06 14.07
C GLY B 223 21.58 4.56 13.15
N GLN B 224 22.16 5.50 12.40
CA GLN B 224 23.18 5.20 11.39
C GLN B 224 24.40 4.47 11.90
N GLU B 225 24.79 4.70 13.16
CA GLU B 225 26.00 4.03 13.68
C GLU B 225 25.80 2.50 13.79
N ALA B 226 24.56 2.04 13.89
CA ALA B 226 24.30 0.60 13.97
C ALA B 226 24.91 -0.06 12.76
N LEU B 227 24.86 0.65 11.63
CA LEU B 227 25.32 0.10 10.37
C LEU B 227 26.83 0.19 10.17
N SER B 228 27.53 1.00 10.95
CA SER B 228 28.99 1.03 10.91
C SER B 228 29.59 -0.34 11.28
N VAL B 229 28.90 -1.09 12.13
CA VAL B 229 29.39 -2.39 12.57
C VAL B 229 29.17 -3.51 11.53
N ALA B 230 28.30 -3.29 10.54
CA ALA B 230 27.86 -4.34 9.65
C ALA B 230 28.94 -4.85 8.75
N ARG B 231 29.75 -3.92 8.29
CA ARG B 231 30.76 -4.24 7.31
C ARG B 231 31.88 -5.01 8.00
N ALA B 232 32.14 -4.67 9.25
CA ALA B 232 33.11 -5.38 10.08
C ALA B 232 32.68 -6.83 10.29
N PHE B 233 31.42 -7.04 10.69
CA PHE B 233 30.91 -8.43 10.87
C PHE B 233 30.90 -9.13 9.52
N ASP B 234 30.47 -8.42 8.47
CA ASP B 234 30.47 -9.06 7.16
C ASP B 234 31.89 -9.34 6.63
N GLU B 235 32.84 -8.46 6.95
CA GLU B 235 34.22 -8.62 6.43
C GLU B 235 34.91 -9.79 7.15
N LYS B 236 34.77 -9.86 8.47
CA LYS B 236 35.43 -10.95 9.24
C LYS B 236 34.67 -12.29 9.24
N VAL B 237 33.36 -12.21 9.24
CA VAL B 237 32.54 -13.36 9.48
C VAL B 237 31.72 -13.74 8.28
N GLY B 238 31.02 -12.78 7.65
CA GLY B 238 30.14 -13.11 6.53
C GLY B 238 28.74 -13.10 7.10
N VAL B 239 27.92 -12.14 6.68
CA VAL B 239 26.55 -12.01 7.15
C VAL B 239 25.56 -12.36 6.03
N THR B 240 24.47 -13.07 6.34
CA THR B 240 23.44 -13.35 5.28
C THR B 240 22.19 -12.51 5.32
N GLY B 241 21.86 -11.90 6.45
CA GLY B 241 20.65 -11.10 6.56
C GLY B 241 20.54 -10.42 7.91
N LEU B 242 19.60 -9.47 8.04
CA LEU B 242 19.52 -8.60 9.23
C LEU B 242 18.25 -8.84 10.02
N VAL B 243 18.33 -8.58 11.31
CA VAL B 243 17.19 -8.40 12.16
C VAL B 243 17.26 -6.96 12.72
N LEU B 244 16.26 -6.15 12.41
CA LEU B 244 16.19 -4.79 12.95
C LEU B 244 15.30 -4.87 14.19
N THR B 245 15.89 -4.70 15.38
CA THR B 245 15.17 -4.74 16.64
C THR B 245 14.75 -3.36 17.11
N LYS B 246 13.84 -3.38 18.07
CA LYS B 246 13.36 -2.22 18.78
C LYS B 246 12.68 -1.19 17.89
N LEU B 247 12.03 -1.61 16.81
CA LEU B 247 11.32 -0.72 15.92
C LEU B 247 10.18 0.01 16.67
N ASP B 248 9.63 -0.66 17.67
CA ASP B 248 8.59 -0.08 18.51
C ASP B 248 9.10 1.07 19.42
N GLY B 249 10.41 1.21 19.62
CA GLY B 249 10.91 2.35 20.40
C GLY B 249 11.61 3.42 19.58
N ASP B 250 11.44 3.37 18.27
CA ASP B 250 12.22 4.09 17.27
C ASP B 250 11.37 5.09 16.50
N ALA B 251 11.62 6.39 16.69
CA ALA B 251 10.77 7.45 16.12
C ALA B 251 11.25 7.97 14.75
N ARG B 252 12.44 7.50 14.35
CA ARG B 252 13.13 8.06 13.22
C ARG B 252 13.07 7.11 12.09
N GLY B 253 13.69 5.95 12.29
CA GLY B 253 13.64 4.89 11.34
C GLY B 253 14.85 4.92 10.45
N GLY B 254 15.75 5.89 10.66
CA GLY B 254 16.86 6.15 9.74
C GLY B 254 17.77 4.96 9.46
N ALA B 255 18.24 4.33 10.53
CA ALA B 255 19.03 3.10 10.43
C ALA B 255 18.27 2.01 9.67
N ALA B 256 17.04 1.78 10.11
CA ALA B 256 16.19 0.81 9.46
C ALA B 256 16.03 1.08 7.97
N LEU B 257 15.90 2.37 7.61
CA LEU B 257 15.59 2.71 6.24
C LEU B 257 16.87 2.64 5.42
N SER B 258 17.99 2.88 6.08
CA SER B 258 19.29 2.87 5.45
C SER B 258 19.88 1.46 5.39
N ALA B 259 19.43 0.57 6.28
CA ALA B 259 20.15 -0.71 6.52
C ALA B 259 20.36 -1.52 5.25
N ARG B 260 19.33 -1.59 4.44
CA ARG B 260 19.34 -2.43 3.27
C ARG B 260 20.40 -2.04 2.25
N HIS B 261 20.56 -0.75 1.94
CA HIS B 261 21.58 -0.29 0.97
C HIS B 261 22.99 -0.13 1.55
N VAL B 262 23.13 0.21 2.82
CA VAL B 262 24.45 0.40 3.40
C VAL B 262 25.12 -0.99 3.55
N THR B 263 24.33 -2.01 3.94
CA THR B 263 24.87 -3.35 4.18
C THR B 263 24.85 -4.24 2.98
N GLY B 264 24.01 -3.97 2.01
CA GLY B 264 23.82 -4.88 0.91
C GLY B 264 23.13 -6.18 1.28
N LYS B 265 22.59 -6.30 2.50
CA LYS B 265 21.93 -7.54 2.93
C LYS B 265 20.41 -7.37 3.11
N PRO B 266 19.65 -8.43 2.87
CA PRO B 266 18.19 -8.36 3.04
C PRO B 266 17.81 -8.30 4.52
N ILE B 267 16.76 -7.57 4.87
CA ILE B 267 16.18 -7.62 6.20
C ILE B 267 15.20 -8.80 6.29
N TYR B 268 15.51 -9.73 7.20
CA TYR B 268 14.72 -10.94 7.39
C TYR B 268 13.57 -10.73 8.38
N PHE B 269 13.86 -10.12 9.50
CA PHE B 269 12.88 -9.99 10.57
C PHE B 269 13.00 -8.62 11.21
N ALA B 270 11.90 -8.18 11.80
CA ALA B 270 11.84 -6.98 12.59
C ALA B 270 11.44 -7.32 14.03
N GLY B 271 12.06 -6.70 15.01
CA GLY B 271 11.66 -6.90 16.40
C GLY B 271 10.71 -5.77 16.74
N VAL B 272 9.50 -6.09 17.25
CA VAL B 272 8.49 -5.07 17.46
C VAL B 272 7.98 -4.98 18.89
N SER B 273 8.59 -5.73 19.81
CA SER B 273 8.30 -5.61 21.24
C SER B 273 9.33 -6.42 22.03
N GLU B 274 9.34 -6.22 23.33
CA GLU B 274 10.20 -6.95 24.26
C GLU B 274 9.82 -8.41 24.44
N LYS B 275 8.58 -8.77 24.11
CA LYS B 275 8.01 -10.08 24.39
C LYS B 275 8.41 -11.10 23.31
N PRO B 276 8.46 -12.36 23.63
CA PRO B 276 8.85 -13.37 22.62
C PRO B 276 8.00 -13.41 21.37
N GLU B 277 6.77 -12.87 21.48
CA GLU B 277 5.85 -12.80 20.36
C GLU B 277 6.11 -11.59 19.46
N GLY B 278 7.04 -10.72 19.87
CA GLY B 278 7.28 -9.49 19.17
C GLY B 278 8.24 -9.65 18.01
N LEU B 279 7.95 -10.60 17.12
CA LEU B 279 8.81 -10.85 15.96
C LEU B 279 7.96 -10.87 14.70
N GLU B 280 8.34 -10.07 13.73
CA GLU B 280 7.61 -10.01 12.46
C GLU B 280 8.57 -10.39 11.37
N PRO B 281 8.14 -11.29 10.49
CA PRO B 281 8.90 -11.52 9.27
C PRO B 281 8.82 -10.24 8.44
N PHE B 282 9.94 -9.86 7.83
CA PHE B 282 10.03 -8.54 7.22
C PHE B 282 9.50 -8.43 5.78
N TYR B 283 8.46 -7.62 5.61
CA TYR B 283 7.96 -7.34 4.27
C TYR B 283 8.13 -5.84 4.06
N PRO B 284 9.02 -5.44 3.14
CA PRO B 284 9.17 -4.03 2.77
C PRO B 284 7.88 -3.25 2.54
N GLU B 285 6.90 -3.82 1.84
N GLU B 285 6.93 -3.84 1.84
CA GLU B 285 5.66 -3.12 1.55
CA GLU B 285 5.65 -3.21 1.52
C GLU B 285 4.84 -2.87 2.80
C GLU B 285 4.83 -2.90 2.77
N ARG B 286 4.89 -3.77 3.78
CA ARG B 286 4.11 -3.58 4.99
C ARG B 286 4.64 -2.41 5.75
N LEU B 287 5.96 -2.32 5.84
CA LEU B 287 6.56 -1.27 6.63
C LEU B 287 6.39 0.06 5.89
N ALA B 288 6.50 0.02 4.58
CA ALA B 288 6.31 1.20 3.74
C ALA B 288 4.93 1.81 3.93
N GLY B 289 3.89 0.98 3.91
CA GLY B 289 2.54 1.40 4.17
C GLY B 289 2.37 1.91 5.60
N ARG B 290 2.98 1.24 6.56
CA ARG B 290 2.86 1.63 7.94
C ARG B 290 3.51 3.01 8.22
N ILE B 291 4.64 3.30 7.55
CA ILE B 291 5.29 4.61 7.73
C ILE B 291 4.40 5.73 7.23
N LEU B 292 3.64 5.44 6.17
CA LEU B 292 2.68 6.41 5.62
C LEU B 292 1.29 6.34 6.26
N GLY B 293 1.14 5.60 7.35
CA GLY B 293 -0.05 5.68 8.19
C GLY B 293 -1.01 4.51 8.16
N MET B 294 -0.78 3.51 7.31
CA MET B 294 -1.71 2.41 7.18
C MET B 294 -1.72 1.55 8.44
N GLY B 295 -2.90 1.44 9.08
CA GLY B 295 -3.12 0.51 10.19
C GLY B 295 -3.17 1.06 11.62
CL CL C . -20.18 -12.80 16.69
C FMT D . -3.22 11.33 -10.29
O1 FMT D . -3.19 12.20 -11.19
O2 FMT D . -3.64 11.54 -9.12
C FMT E . -32.99 8.68 -18.15
O1 FMT E . -32.80 7.57 -18.64
O2 FMT E . -32.72 8.97 -16.96
PB GDP F . -25.65 16.50 -12.94
O1B GDP F . -25.11 17.25 -14.16
O2B GDP F . -25.54 14.86 -13.14
O3B GDP F . -27.21 17.00 -12.67
O3A GDP F . -24.70 16.89 -11.76
PA GDP F . -23.92 18.23 -11.68
O1A GDP F . -24.84 19.39 -12.00
O2A GDP F . -22.50 18.36 -12.54
O5' GDP F . -23.55 18.30 -10.12
C5' GDP F . -24.51 17.96 -9.11
C4' GDP F . -24.03 18.49 -7.76
O4' GDP F . -22.91 17.73 -7.27
C3' GDP F . -23.48 19.90 -7.84
O3' GDP F . -23.78 20.52 -6.57
C2' GDP F . -21.97 19.76 -7.97
O2' GDP F . -21.20 20.85 -7.45
C1' GDP F . -21.72 18.52 -7.15
N9 GDP F . -20.59 17.62 -7.46
C8 GDP F . -20.29 16.97 -8.60
N7 GDP F . -19.22 16.15 -8.43
C5 GDP F . -18.82 16.25 -7.17
C6 GDP F . -17.74 15.71 -6.35
O6 GDP F . -16.89 14.86 -6.77
N1 GDP F . -17.70 16.12 -5.08
C2 GDP F . -18.57 17.02 -4.60
N2 GDP F . -18.49 17.38 -3.32
N3 GDP F . -19.58 17.57 -5.28
C4 GDP F . -19.74 17.22 -6.55
MG MG G . -26.05 18.36 -15.67
MG MG H . -13.71 2.59 -27.13
C FMT I . 0.87 -2.65 1.71
O1 FMT I . 1.37 -1.52 1.92
O2 FMT I . 0.86 -3.59 2.54
C FMT J . 3.45 -12.41 9.81
O1 FMT J . 3.41 -11.18 10.14
O2 FMT J . 3.74 -13.34 10.61
C FMT K . 33.78 -2.85 25.31
O1 FMT K . 33.55 -3.29 26.45
O2 FMT K . 33.74 -3.59 24.31
PB GDP L . 21.78 -8.67 23.54
O1B GDP L . 21.55 -10.10 23.88
O2B GDP L . 22.22 -8.39 21.99
O3B GDP L . 22.76 -8.06 24.74
O3A GDP L . 20.37 -7.93 23.79
PA GDP L . 19.14 -8.53 24.65
O1A GDP L . 19.52 -8.90 26.07
O2A GDP L . 18.40 -9.81 23.92
O5' GDP L . 18.06 -7.31 24.60
C5' GDP L . 18.40 -5.99 24.97
C4' GDP L . 17.22 -5.27 25.57
O4' GDP L . 16.32 -4.94 24.55
C3' GDP L . 16.40 -6.09 26.55
O3' GDP L . 15.86 -5.14 27.48
C2' GDP L . 15.26 -6.69 25.73
O2' GDP L . 14.02 -6.79 26.39
C1' GDP L . 15.05 -5.61 24.72
N9 GDP L . 14.59 -5.96 23.36
C8 GDP L . 15.15 -6.79 22.44
N7 GDP L . 14.44 -6.75 21.30
C5 GDP L . 13.45 -5.86 21.46
C6 GDP L . 12.35 -5.29 20.66
O6 GDP L . 12.18 -5.65 19.46
N1 GDP L . 11.54 -4.38 21.26
C2 GDP L . 11.72 -3.97 22.52
N2 GDP L . 10.93 -3.04 23.08
N3 GDP L . 12.69 -4.42 23.29
C4 GDP L . 13.57 -5.32 22.81
MG MG M . 22.55 -11.57 24.91
MG MG N . 22.73 -20.26 3.44
#